data_4NKA
#
_entry.id   4NKA
#
_cell.length_a   208.830
_cell.length_b   57.360
_cell.length_c   65.730
_cell.angle_alpha   90.00
_cell.angle_beta   107.68
_cell.angle_gamma   90.00
#
_symmetry.space_group_name_H-M   'C 1 2 1'
#
loop_
_entity.id
_entity.type
_entity.pdbx_description
1 polymer 'Fibroblast growth factor receptor 1'
2 non-polymer 'SULFATE ION'
3 non-polymer 1,2-ETHANEDIOL
4 non-polymer N~4~-{3-[2-(3,4-dimethoxyphenyl)ethyl]-1H-pyrazol-5-yl}-N~2~-[(3-methyl-1,2-oxazol-5-yl)methyl]pyrimidine-2,4-diamine
5 water water
#
_entity_poly.entity_id   1
_entity_poly.type   'polypeptide(L)'
_entity_poly.pdbx_seq_one_letter_code
;GAGVSEYELPEDPRWELPRDRLVLGKPLGEGAFGQVVLAEAIGLDKDKPNRVTKVAVKMLKSDATEKDLSDLISEMEMMK
MIGKHKNIINLLGACTQDGPLYVIVEYASKGNLREYLQARRPPGLEYSYNPSHNPEEQLSSKDLVSCAYQVARGMEYLAS
KKCIHRDLAARNVLVTEDNVMKIADFGLARDIHHIDYYKKTTNGRLPVKWMAPEALFDRIYTHQSDVWSFGVLLWEIFTL
GGSPYPGVPVEELFKLLKEGHRMDKPSNCTNELYMMMRDCWHAVPSQRPTFKQLVEDLDRIVALTSNQE
;
_entity_poly.pdbx_strand_id   A,B
#
# COMPACT_ATOMS: atom_id res chain seq x y z
N GLU A 8 25.05 -21.36 41.78
CA GLU A 8 26.23 -21.24 40.93
C GLU A 8 26.02 -21.90 39.56
N LEU A 9 26.64 -21.32 38.52
CA LEU A 9 26.56 -21.85 37.15
C LEU A 9 27.76 -22.76 36.88
N PRO A 10 27.65 -23.78 35.99
CA PRO A 10 28.83 -24.59 35.67
C PRO A 10 29.79 -23.77 34.77
N GLU A 11 31.12 -23.96 34.92
CA GLU A 11 32.10 -23.21 34.13
C GLU A 11 32.61 -23.97 32.89
N ASP A 12 32.58 -23.28 31.74
CA ASP A 12 33.00 -23.80 30.43
C ASP A 12 34.26 -22.98 30.03
N PRO A 13 35.46 -23.57 30.13
CA PRO A 13 36.68 -22.80 29.84
C PRO A 13 36.88 -22.35 28.40
N ARG A 14 36.20 -22.97 27.44
CA ARG A 14 36.27 -22.62 26.01
C ARG A 14 35.74 -21.20 25.79
N TRP A 15 34.67 -20.84 26.53
CA TRP A 15 33.96 -19.59 26.45
C TRP A 15 34.18 -18.58 27.59
N GLU A 16 34.65 -18.99 28.76
CA GLU A 16 34.79 -18.12 29.91
C GLU A 16 35.80 -16.97 29.75
N LEU A 17 35.34 -15.74 29.99
CA LEU A 17 36.25 -14.58 29.97
C LEU A 17 36.31 -14.03 31.40
N PRO A 18 37.52 -13.79 31.98
CA PRO A 18 37.56 -13.20 33.33
C PRO A 18 36.87 -11.83 33.34
N ARG A 19 36.14 -11.52 34.42
CA ARG A 19 35.36 -10.29 34.60
C ARG A 19 36.16 -8.98 34.51
N ASP A 20 37.43 -9.03 34.89
CA ASP A 20 38.30 -7.86 34.85
C ASP A 20 38.76 -7.55 33.42
N ARG A 21 38.36 -8.38 32.44
CA ARG A 21 38.68 -8.25 31.02
C ARG A 21 37.56 -7.59 30.25
N LEU A 22 36.50 -7.23 30.94
CA LEU A 22 35.33 -6.66 30.33
C LEU A 22 35.00 -5.30 30.93
N VAL A 23 35.02 -4.25 30.09
CA VAL A 23 34.72 -2.87 30.50
C VAL A 23 33.34 -2.51 29.96
N LEU A 24 32.32 -2.54 30.84
CA LEU A 24 30.93 -2.26 30.45
C LEU A 24 30.74 -0.78 30.10
N GLY A 25 30.03 -0.52 29.00
CA GLY A 25 29.78 0.83 28.51
C GLY A 25 28.32 1.20 28.40
N LYS A 26 27.99 2.09 27.44
CA LYS A 26 26.63 2.61 27.21
C LYS A 26 25.61 1.54 26.76
N PRO A 27 24.35 1.60 27.26
CA PRO A 27 23.33 0.63 26.81
C PRO A 27 23.00 0.83 25.32
N LEU A 28 22.84 -0.28 24.58
CA LEU A 28 22.56 -0.24 23.14
C LEU A 28 21.08 -0.22 22.79
N GLY A 29 20.26 -0.83 23.65
CA GLY A 29 18.82 -0.87 23.48
C GLY A 29 18.07 -1.62 24.55
N GLU A 30 16.79 -1.20 24.78
CA GLU A 30 15.86 -1.80 25.74
C GLU A 30 14.80 -2.61 24.99
N GLN A 35 18.59 -6.58 28.75
CA GLN A 35 19.33 -5.39 28.33
C GLN A 35 20.68 -5.72 27.67
N VAL A 36 20.96 -5.02 26.57
CA VAL A 36 22.18 -5.16 25.77
C VAL A 36 23.01 -3.88 25.93
N VAL A 37 24.28 -4.02 26.37
CA VAL A 37 25.20 -2.89 26.56
C VAL A 37 26.42 -2.99 25.65
N LEU A 38 26.98 -1.84 25.25
CA LEU A 38 28.23 -1.83 24.49
C LEU A 38 29.34 -2.07 25.52
N ALA A 39 30.40 -2.80 25.13
CA ALA A 39 31.53 -3.06 26.02
C ALA A 39 32.81 -3.27 25.26
N GLU A 40 33.93 -3.21 25.98
CA GLU A 40 35.25 -3.49 25.45
C GLU A 40 35.79 -4.69 26.17
N ALA A 41 36.19 -5.71 25.40
CA ALA A 41 36.77 -6.94 25.92
C ALA A 41 38.28 -6.94 25.66
N ILE A 42 39.09 -7.06 26.74
CA ILE A 42 40.56 -7.08 26.69
C ILE A 42 41.01 -8.52 26.44
N GLY A 43 41.76 -8.71 25.35
CA GLY A 43 42.33 -10.02 25.01
C GLY A 43 41.32 -11.14 24.96
N LEU A 44 40.24 -10.91 24.18
CA LEU A 44 39.15 -11.88 23.98
C LEU A 44 39.74 -13.16 23.38
N ASP A 45 40.71 -12.99 22.45
CA ASP A 45 41.51 -14.03 21.84
C ASP A 45 42.73 -14.24 22.77
N LYS A 46 42.98 -15.50 23.15
CA LYS A 46 44.07 -15.94 24.05
C LYS A 46 45.45 -15.63 23.48
N ASP A 47 45.62 -15.78 22.16
CA ASP A 47 46.83 -15.47 21.41
C ASP A 47 47.18 -13.96 21.44
N LYS A 48 46.16 -13.07 21.40
CA LYS A 48 46.35 -11.61 21.43
C LYS A 48 45.78 -10.97 22.73
N PRO A 49 46.51 -11.02 23.87
CA PRO A 49 45.95 -10.52 25.11
C PRO A 49 46.00 -9.00 25.32
N ASN A 50 46.73 -8.26 24.46
CA ASN A 50 46.85 -6.81 24.63
C ASN A 50 45.95 -5.97 23.71
N ARG A 51 44.97 -6.60 23.06
CA ARG A 51 44.05 -5.91 22.14
C ARG A 51 42.63 -5.85 22.67
N VAL A 52 41.97 -4.69 22.51
CA VAL A 52 40.57 -4.53 22.88
C VAL A 52 39.66 -4.76 21.68
N THR A 53 38.51 -5.38 21.92
CA THR A 53 37.48 -5.64 20.91
C THR A 53 36.20 -5.05 21.44
N LYS A 54 35.52 -4.23 20.62
CA LYS A 54 34.20 -3.70 20.97
C LYS A 54 33.24 -4.87 20.81
N VAL A 55 32.44 -5.15 21.84
CA VAL A 55 31.51 -6.27 21.90
C VAL A 55 30.13 -5.82 22.42
N ALA A 56 29.09 -6.66 22.24
CA ALA A 56 27.77 -6.40 22.82
C ALA A 56 27.59 -7.39 23.93
N VAL A 57 27.10 -6.93 25.09
CA VAL A 57 26.90 -7.81 26.26
C VAL A 57 25.41 -7.89 26.67
N LYS A 58 24.85 -9.09 26.64
CA LYS A 58 23.46 -9.30 27.08
C LYS A 58 23.49 -9.80 28.53
N MET A 59 22.73 -9.12 29.38
CA MET A 59 22.64 -9.41 30.83
C MET A 59 21.19 -9.28 31.31
N LEU A 60 20.87 -9.91 32.46
CA LEU A 60 19.54 -9.80 33.06
C LEU A 60 19.41 -8.46 33.81
N LYS A 61 18.18 -7.93 33.91
CA LYS A 61 17.91 -6.70 34.66
C LYS A 61 17.71 -7.10 36.13
N SER A 62 17.76 -6.12 37.06
CA SER A 62 17.61 -6.34 38.51
C SER A 62 16.26 -6.96 38.93
N ASP A 63 15.23 -6.83 38.06
CA ASP A 63 13.89 -7.35 38.31
C ASP A 63 13.65 -8.74 37.68
N ALA A 64 14.71 -9.41 37.18
CA ALA A 64 14.57 -10.74 36.56
C ALA A 64 14.28 -11.85 37.56
N THR A 65 13.71 -12.95 37.06
CA THR A 65 13.32 -14.14 37.83
C THR A 65 14.21 -15.32 37.41
N GLU A 66 14.07 -16.47 38.12
CA GLU A 66 14.78 -17.73 37.85
C GLU A 66 14.45 -18.29 36.45
N LYS A 67 13.27 -17.91 35.88
CA LYS A 67 12.85 -18.30 34.52
C LYS A 67 13.63 -17.47 33.49
N ASP A 68 13.80 -16.15 33.73
CA ASP A 68 14.56 -15.25 32.85
C ASP A 68 16.03 -15.68 32.76
N LEU A 69 16.59 -16.17 33.89
CA LEU A 69 17.98 -16.67 33.90
C LEU A 69 18.10 -17.94 33.05
N SER A 70 17.19 -18.91 33.25
CA SER A 70 17.20 -20.15 32.45
C SER A 70 17.03 -19.85 30.94
N ASP A 71 16.26 -18.81 30.59
CA ASP A 71 16.07 -18.36 29.20
C ASP A 71 17.38 -17.84 28.59
N LEU A 72 18.11 -16.97 29.35
CA LEU A 72 19.40 -16.40 28.93
C LEU A 72 20.45 -17.50 28.77
N ILE A 73 20.48 -18.47 29.72
CA ILE A 73 21.39 -19.63 29.69
C ILE A 73 21.13 -20.45 28.43
N SER A 74 19.84 -20.76 28.15
CA SER A 74 19.42 -21.53 26.99
C SER A 74 19.82 -20.86 25.67
N GLU A 75 19.71 -19.50 25.59
CA GLU A 75 20.11 -18.74 24.40
C GLU A 75 21.60 -18.91 24.13
N MET A 76 22.41 -18.83 25.19
CA MET A 76 23.87 -18.98 25.15
C MET A 76 24.26 -20.40 24.68
N GLU A 77 23.63 -21.42 25.29
CA GLU A 77 23.82 -22.84 24.97
C GLU A 77 23.46 -23.15 23.53
N MET A 78 22.38 -22.53 23.03
CA MET A 78 21.93 -22.68 21.66
C MET A 78 22.97 -22.10 20.70
N MET A 79 23.48 -20.88 20.99
CA MET A 79 24.53 -20.22 20.19
C MET A 79 25.79 -21.08 20.13
N LYS A 80 26.14 -21.75 21.24
CA LYS A 80 27.29 -22.69 21.27
C LYS A 80 27.08 -23.85 20.28
N MET A 81 25.86 -24.43 20.23
CA MET A 81 25.51 -25.54 19.34
C MET A 81 25.50 -25.14 17.86
N ILE A 82 24.96 -23.95 17.54
CA ILE A 82 24.81 -23.46 16.17
C ILE A 82 26.15 -23.28 15.44
N GLY A 83 27.16 -22.76 16.15
CA GLY A 83 28.46 -22.52 15.57
C GLY A 83 28.51 -21.16 14.89
N LYS A 84 29.68 -20.87 14.30
CA LYS A 84 30.00 -19.61 13.66
C LYS A 84 29.61 -19.50 12.20
N HIS A 85 29.14 -18.32 11.82
CA HIS A 85 28.83 -17.95 10.46
C HIS A 85 28.94 -16.46 10.33
N LYS A 86 29.48 -15.99 9.22
CA LYS A 86 29.64 -14.57 8.89
C LYS A 86 28.31 -13.80 8.97
N ASN A 87 27.17 -14.41 8.56
CA ASN A 87 25.93 -13.65 8.51
C ASN A 87 24.97 -13.88 9.69
N ILE A 88 25.52 -14.19 10.87
CA ILE A 88 24.77 -14.30 12.12
C ILE A 88 25.55 -13.57 13.22
N ILE A 89 24.86 -13.09 14.28
CA ILE A 89 25.57 -12.47 15.42
C ILE A 89 26.20 -13.65 16.16
N ASN A 90 27.54 -13.73 16.22
CA ASN A 90 28.22 -14.86 16.87
C ASN A 90 28.50 -14.67 18.34
N LEU A 91 28.57 -15.79 19.07
CA LEU A 91 28.93 -15.81 20.47
C LEU A 91 30.45 -15.66 20.54
N LEU A 92 30.93 -14.82 21.46
CA LEU A 92 32.36 -14.59 21.63
C LEU A 92 32.88 -15.04 22.99
N GLY A 93 31.98 -15.12 23.97
CA GLY A 93 32.36 -15.50 25.34
C GLY A 93 31.28 -15.29 26.37
N ALA A 94 31.62 -15.51 27.64
CA ALA A 94 30.69 -15.35 28.76
C ALA A 94 31.38 -15.19 30.10
N CYS A 95 30.73 -14.48 31.03
CA CYS A 95 31.13 -14.30 32.44
C CYS A 95 30.00 -14.97 33.18
N THR A 96 30.23 -16.18 33.68
CA THR A 96 29.20 -17.02 34.32
C THR A 96 29.45 -17.21 35.81
N GLN A 97 30.71 -17.01 36.24
CA GLN A 97 31.16 -17.24 37.60
C GLN A 97 31.27 -15.97 38.43
N ASP A 98 31.03 -16.09 39.74
CA ASP A 98 31.17 -15.05 40.76
C ASP A 98 30.57 -13.69 40.36
N GLY A 99 29.29 -13.70 39.99
CA GLY A 99 28.58 -12.50 39.59
C GLY A 99 27.49 -12.73 38.57
N PRO A 100 26.78 -11.65 38.13
CA PRO A 100 25.71 -11.82 37.13
C PRO A 100 26.21 -12.41 35.81
N LEU A 101 25.35 -13.18 35.15
CA LEU A 101 25.68 -13.80 33.88
C LEU A 101 25.73 -12.77 32.77
N TYR A 102 26.87 -12.71 32.08
CA TYR A 102 27.09 -11.85 30.92
C TYR A 102 27.30 -12.73 29.71
N VAL A 103 26.51 -12.54 28.67
CA VAL A 103 26.64 -13.30 27.43
C VAL A 103 27.25 -12.33 26.45
N ILE A 104 28.46 -12.63 25.97
CA ILE A 104 29.24 -11.74 25.11
C ILE A 104 29.09 -12.15 23.64
N VAL A 105 28.60 -11.22 22.82
CA VAL A 105 28.34 -11.48 21.40
C VAL A 105 28.98 -10.38 20.55
N GLU A 106 29.00 -10.59 19.21
CA GLU A 106 29.53 -9.63 18.25
C GLU A 106 28.74 -8.31 18.28
N TYR A 107 29.45 -7.18 18.13
CA TYR A 107 28.85 -5.86 18.07
C TYR A 107 28.71 -5.41 16.62
N ALA A 108 27.50 -4.98 16.25
CA ALA A 108 27.19 -4.44 14.92
C ALA A 108 26.89 -2.96 15.14
N SER A 109 27.82 -2.10 14.73
CA SER A 109 27.78 -0.65 14.98
C SER A 109 26.75 0.16 14.21
N LYS A 110 26.28 -0.34 13.05
CA LYS A 110 25.34 0.46 12.24
C LYS A 110 23.85 0.16 12.54
N GLY A 111 23.58 -0.58 13.62
CA GLY A 111 22.21 -0.90 14.07
C GLY A 111 21.41 -1.89 13.24
N ASN A 112 20.07 -1.93 13.47
CA ASN A 112 19.20 -2.87 12.76
C ASN A 112 19.03 -2.48 11.28
N LEU A 113 18.73 -3.47 10.42
CA LEU A 113 18.59 -3.28 8.98
C LEU A 113 17.47 -2.29 8.60
N ARG A 114 16.37 -2.25 9.38
CA ARG A 114 15.25 -1.36 9.13
C ARG A 114 15.73 0.10 9.23
N GLU A 115 16.39 0.45 10.35
CA GLU A 115 16.93 1.80 10.60
C GLU A 115 18.01 2.16 9.58
N TYR A 116 18.89 1.18 9.25
CA TYR A 116 19.98 1.34 8.29
C TYR A 116 19.45 1.77 6.93
N LEU A 117 18.37 1.10 6.46
CA LEU A 117 17.75 1.41 5.17
C LEU A 117 17.00 2.75 5.20
N GLN A 118 16.24 3.03 6.28
CA GLN A 118 15.50 4.30 6.45
C GLN A 118 16.46 5.49 6.42
N ALA A 119 17.57 5.42 7.18
CA ALA A 119 18.59 6.49 7.26
C ALA A 119 19.26 6.75 5.89
N ARG A 120 19.18 5.78 4.95
CA ARG A 120 19.80 5.87 3.63
C ARG A 120 18.79 6.11 2.49
N ARG A 121 17.55 6.49 2.84
CA ARG A 121 16.54 6.87 1.87
C ARG A 121 16.97 8.22 1.21
N PRO A 122 16.68 8.44 -0.10
CA PRO A 122 17.04 9.72 -0.73
C PRO A 122 16.39 10.95 -0.05
N PRO A 123 16.95 12.18 -0.19
CA PRO A 123 16.35 13.35 0.49
C PRO A 123 15.10 13.91 -0.17
N GLU A 136 22.53 8.13 6.31
CA GLU A 136 23.88 8.30 5.80
C GLU A 136 23.93 8.33 4.25
N GLU A 137 24.86 7.58 3.62
CA GLU A 137 25.10 7.50 2.16
C GLU A 137 23.93 6.90 1.34
N GLN A 138 24.11 6.74 0.01
CA GLN A 138 23.07 6.15 -0.84
C GLN A 138 23.44 4.72 -1.24
N LEU A 139 22.44 3.83 -1.31
CA LEU A 139 22.62 2.43 -1.66
C LEU A 139 22.15 2.20 -3.08
N SER A 140 23.01 1.53 -3.89
CA SER A 140 22.66 1.17 -5.27
C SER A 140 21.73 -0.05 -5.28
N SER A 141 21.27 -0.44 -6.49
CA SER A 141 20.42 -1.60 -6.64
C SER A 141 21.18 -2.88 -6.27
N LYS A 142 22.48 -2.97 -6.63
CA LYS A 142 23.34 -4.11 -6.32
C LYS A 142 23.51 -4.25 -4.80
N ASP A 143 23.64 -3.12 -4.04
CA ASP A 143 23.77 -3.11 -2.56
C ASP A 143 22.53 -3.70 -1.91
N LEU A 144 21.32 -3.38 -2.45
CA LEU A 144 20.08 -3.89 -1.88
C LEU A 144 19.95 -5.40 -2.08
N VAL A 145 20.29 -5.89 -3.31
CA VAL A 145 20.26 -7.32 -3.65
C VAL A 145 21.31 -8.07 -2.79
N SER A 146 22.44 -7.42 -2.49
CA SER A 146 23.52 -7.92 -1.64
C SER A 146 23.04 -8.12 -0.19
N CYS A 147 22.24 -7.17 0.38
CA CYS A 147 21.63 -7.29 1.72
C CYS A 147 20.76 -8.55 1.76
N ALA A 148 19.89 -8.72 0.74
CA ALA A 148 18.99 -9.86 0.57
C ALA A 148 19.80 -11.18 0.52
N TYR A 149 20.88 -11.20 -0.30
CA TYR A 149 21.74 -12.37 -0.45
C TYR A 149 22.36 -12.77 0.92
N GLN A 150 22.92 -11.79 1.64
CA GLN A 150 23.56 -12.01 2.94
C GLN A 150 22.59 -12.55 3.98
N VAL A 151 21.37 -12.00 4.03
CA VAL A 151 20.37 -12.50 4.98
C VAL A 151 19.98 -13.94 4.63
N ALA A 152 19.76 -14.23 3.31
CA ALA A 152 19.42 -15.59 2.85
C ALA A 152 20.53 -16.56 3.25
N ARG A 153 21.79 -16.10 3.12
CA ARG A 153 22.97 -16.88 3.47
C ARG A 153 22.98 -17.27 4.95
N GLY A 154 22.68 -16.32 5.82
CA GLY A 154 22.64 -16.55 7.25
C GLY A 154 21.53 -17.51 7.63
N MET A 155 20.36 -17.34 6.98
CA MET A 155 19.18 -18.18 7.17
C MET A 155 19.42 -19.60 6.68
N GLU A 156 20.13 -19.75 5.53
CA GLU A 156 20.46 -21.07 5.00
C GLU A 156 21.36 -21.82 6.01
N TYR A 157 22.30 -21.10 6.67
CA TYR A 157 23.18 -21.69 7.67
C TYR A 157 22.38 -22.09 8.90
N LEU A 158 21.53 -21.19 9.43
CA LEU A 158 20.68 -21.51 10.58
C LEU A 158 19.77 -22.73 10.30
N ALA A 159 19.15 -22.79 9.08
CA ALA A 159 18.31 -23.94 8.65
C ALA A 159 19.14 -25.22 8.61
N SER A 160 20.40 -25.14 8.12
CA SER A 160 21.32 -26.30 8.06
C SER A 160 21.65 -26.82 9.50
N LYS A 161 21.49 -25.97 10.52
CA LYS A 161 21.71 -26.30 11.94
C LYS A 161 20.40 -26.63 12.64
N LYS A 162 19.32 -26.88 11.86
CA LYS A 162 17.96 -27.28 12.30
C LYS A 162 17.28 -26.24 13.18
N CYS A 163 17.68 -25.00 13.02
CA CYS A 163 17.15 -23.87 13.76
C CYS A 163 16.02 -23.22 12.96
N ILE A 164 14.88 -22.91 13.61
CA ILE A 164 13.74 -22.18 13.07
C ILE A 164 13.73 -20.84 13.84
N HIS A 165 13.83 -19.69 13.11
CA HIS A 165 13.90 -18.35 13.72
C HIS A 165 12.59 -17.92 14.39
N ARG A 166 11.46 -17.97 13.66
CA ARG A 166 10.10 -17.61 14.10
C ARG A 166 9.81 -16.07 14.07
N ASP A 167 10.85 -15.19 14.11
CA ASP A 167 10.66 -13.73 14.02
C ASP A 167 11.67 -13.06 13.05
N LEU A 168 11.84 -13.66 11.86
CA LEU A 168 12.73 -13.08 10.88
C LEU A 168 12.11 -11.79 10.31
N ALA A 169 12.73 -10.64 10.59
CA ALA A 169 12.28 -9.31 10.13
C ALA A 169 13.53 -8.43 10.04
N ALA A 170 13.45 -7.28 9.32
CA ALA A 170 14.61 -6.38 9.20
C ALA A 170 15.10 -5.85 10.55
N ARG A 171 14.19 -5.66 11.53
CA ARG A 171 14.53 -5.19 12.88
C ARG A 171 15.45 -6.14 13.60
N ASN A 172 15.43 -7.46 13.24
CA ASN A 172 16.21 -8.52 13.87
C ASN A 172 17.46 -8.88 13.06
N VAL A 173 17.84 -8.00 12.13
CA VAL A 173 19.05 -8.13 11.31
C VAL A 173 19.91 -6.93 11.67
N LEU A 174 21.17 -7.17 12.02
CA LEU A 174 22.09 -6.12 12.40
C LEU A 174 23.15 -5.87 11.33
N VAL A 175 23.60 -4.63 11.21
CA VAL A 175 24.58 -4.23 10.20
C VAL A 175 25.86 -3.78 10.92
N THR A 176 27.02 -4.37 10.56
CA THR A 176 28.33 -4.05 11.15
C THR A 176 28.92 -2.79 10.49
N GLU A 177 30.10 -2.34 11.00
CA GLU A 177 30.83 -1.20 10.46
C GLU A 177 31.22 -1.43 9.00
N ASP A 178 31.46 -2.71 8.63
CA ASP A 178 31.84 -3.12 7.27
C ASP A 178 30.65 -3.51 6.39
N ASN A 179 29.43 -3.11 6.81
CA ASN A 179 28.15 -3.33 6.11
C ASN A 179 27.80 -4.81 5.90
N VAL A 180 28.20 -5.68 6.84
CA VAL A 180 27.87 -7.10 6.80
C VAL A 180 26.54 -7.27 7.54
N MET A 181 25.61 -8.00 6.94
CA MET A 181 24.31 -8.32 7.52
C MET A 181 24.51 -9.48 8.48
N LYS A 182 24.00 -9.34 9.72
CA LYS A 182 24.07 -10.41 10.73
C LYS A 182 22.71 -10.61 11.40
N ILE A 183 22.17 -11.81 11.32
CA ILE A 183 20.87 -12.17 11.93
C ILE A 183 21.00 -12.30 13.46
N ALA A 184 20.11 -11.65 14.19
CA ALA A 184 20.07 -11.70 15.65
C ALA A 184 18.86 -12.49 16.15
N ASP A 185 18.79 -12.75 17.48
CA ASP A 185 17.67 -13.41 18.19
C ASP A 185 17.17 -14.72 17.59
N PHE A 186 18.09 -15.52 17.02
CA PHE A 186 17.78 -16.80 16.36
C PHE A 186 17.62 -17.98 17.33
N GLY A 187 18.25 -17.88 18.50
CA GLY A 187 18.21 -18.90 19.55
C GLY A 187 17.52 -18.42 20.82
N ILE A 195 2.15 -16.59 22.61
CA ILE A 195 2.26 -15.35 21.83
C ILE A 195 0.90 -14.68 21.64
N ASP A 196 0.83 -13.37 21.97
CA ASP A 196 -0.38 -12.54 21.82
C ASP A 196 -0.27 -11.77 20.51
N TYR A 197 -1.19 -12.05 19.57
CA TYR A 197 -1.25 -11.43 18.25
C TYR A 197 -1.42 -9.91 18.26
N TYR A 198 -2.15 -9.39 19.25
CA TYR A 198 -2.48 -7.97 19.40
C TYR A 198 -1.37 -7.11 20.05
N LYS A 199 -0.23 -7.72 20.46
CA LYS A 199 0.91 -7.03 21.05
C LYS A 199 1.79 -6.32 20.00
N LYS A 200 2.13 -5.05 20.27
CA LYS A 200 2.93 -4.19 19.40
C LYS A 200 4.40 -4.05 19.86
N THR A 201 5.30 -3.76 18.90
CA THR A 201 6.74 -3.54 19.14
C THR A 201 7.00 -2.13 19.70
N THR A 202 8.30 -1.73 19.79
CA THR A 202 8.73 -0.41 20.28
C THR A 202 8.32 0.69 19.28
N ASN A 203 8.59 0.46 17.98
CA ASN A 203 8.27 1.33 16.84
C ASN A 203 6.74 1.40 16.58
N GLY A 204 5.99 0.52 17.26
CA GLY A 204 4.53 0.43 17.15
C GLY A 204 4.04 -0.48 16.03
N ARG A 205 4.86 -1.48 15.65
CA ARG A 205 4.49 -2.44 14.59
C ARG A 205 3.99 -3.78 15.15
N LEU A 206 3.22 -4.53 14.33
CA LEU A 206 2.66 -5.82 14.76
C LEU A 206 3.45 -7.02 14.19
N PRO A 207 4.18 -7.79 15.04
CA PRO A 207 4.97 -8.95 14.50
C PRO A 207 4.18 -9.98 13.66
N VAL A 208 2.85 -10.12 13.86
CA VAL A 208 1.98 -11.02 13.05
C VAL A 208 2.12 -10.77 11.54
N LYS A 209 2.46 -9.53 11.13
CA LYS A 209 2.58 -9.13 9.71
C LYS A 209 3.76 -9.80 8.97
N TRP A 210 4.62 -10.51 9.70
CA TRP A 210 5.77 -11.26 9.16
C TRP A 210 5.49 -12.77 9.18
N MET A 211 4.40 -13.20 9.86
CA MET A 211 4.05 -14.62 10.11
C MET A 211 3.36 -15.34 8.98
N ALA A 212 3.83 -16.55 8.63
CA ALA A 212 3.17 -17.38 7.59
C ALA A 212 1.75 -17.73 8.01
N PRO A 213 0.79 -17.91 7.06
CA PRO A 213 -0.58 -18.25 7.47
C PRO A 213 -0.68 -19.54 8.29
N GLU A 214 0.11 -20.58 7.95
CA GLU A 214 0.07 -21.83 8.72
C GLU A 214 0.64 -21.63 10.14
N ALA A 215 1.62 -20.73 10.31
CA ALA A 215 2.18 -20.41 11.65
C ALA A 215 1.16 -19.57 12.45
N LEU A 216 0.48 -18.66 11.77
CA LEU A 216 -0.54 -17.79 12.35
C LEU A 216 -1.84 -18.55 12.73
N PHE A 217 -2.44 -19.30 11.80
CA PHE A 217 -3.72 -19.99 11.98
C PHE A 217 -3.65 -21.44 12.49
N ASP A 218 -2.50 -22.14 12.32
CA ASP A 218 -2.40 -23.56 12.73
C ASP A 218 -1.20 -23.81 13.66
N ARG A 219 -0.42 -22.74 13.97
CA ARG A 219 0.78 -22.70 14.82
C ARG A 219 1.87 -23.71 14.33
N ILE A 220 1.95 -23.93 12.99
CA ILE A 220 2.90 -24.83 12.33
C ILE A 220 4.06 -23.96 11.88
N TYR A 221 5.21 -24.15 12.55
CA TYR A 221 6.46 -23.44 12.29
C TYR A 221 7.47 -24.38 11.68
N THR A 222 7.97 -24.03 10.49
CA THR A 222 8.96 -24.83 9.77
C THR A 222 9.96 -23.87 9.14
N HIS A 223 10.93 -24.40 8.36
CA HIS A 223 11.86 -23.56 7.60
C HIS A 223 11.09 -22.87 6.48
N GLN A 224 9.96 -23.47 6.01
CA GLN A 224 9.08 -22.90 4.98
C GLN A 224 8.30 -21.70 5.52
N SER A 225 7.98 -21.70 6.82
CA SER A 225 7.30 -20.55 7.43
C SER A 225 8.29 -19.36 7.58
N ASP A 226 9.60 -19.67 7.80
CA ASP A 226 10.66 -18.66 7.85
C ASP A 226 10.89 -18.08 6.46
N VAL A 227 10.72 -18.89 5.39
CA VAL A 227 10.86 -18.45 3.99
C VAL A 227 9.79 -17.39 3.69
N TRP A 228 8.53 -17.60 4.21
CA TRP A 228 7.46 -16.61 4.09
C TRP A 228 7.92 -15.27 4.72
N SER A 229 8.45 -15.31 5.97
CA SER A 229 8.97 -14.14 6.69
C SER A 229 10.10 -13.46 5.89
N PHE A 230 11.01 -14.26 5.25
CA PHE A 230 12.08 -13.71 4.40
C PHE A 230 11.49 -12.91 3.21
N GLY A 231 10.35 -13.36 2.68
CA GLY A 231 9.63 -12.68 1.62
C GLY A 231 9.19 -11.31 2.07
N VAL A 232 8.71 -11.20 3.34
CA VAL A 232 8.30 -9.91 3.94
C VAL A 232 9.55 -9.05 4.16
N LEU A 233 10.66 -9.68 4.55
CA LEU A 233 11.94 -9.01 4.76
C LEU A 233 12.45 -8.43 3.42
N LEU A 234 12.31 -9.20 2.31
CA LEU A 234 12.69 -8.73 0.97
C LEU A 234 11.92 -7.45 0.63
N TRP A 235 10.61 -7.44 0.94
CA TRP A 235 9.73 -6.28 0.73
C TRP A 235 10.23 -5.07 1.51
N GLU A 236 10.65 -5.28 2.78
CA GLU A 236 11.22 -4.25 3.65
C GLU A 236 12.50 -3.68 3.06
N ILE A 237 13.36 -4.53 2.44
CA ILE A 237 14.61 -4.07 1.81
C ILE A 237 14.32 -3.17 0.61
N PHE A 238 13.46 -3.65 -0.32
CA PHE A 238 13.19 -2.91 -1.55
C PHE A 238 12.30 -1.69 -1.34
N THR A 239 11.68 -1.52 -0.14
CA THR A 239 10.93 -0.28 0.21
C THR A 239 11.80 0.61 1.10
N LEU A 240 13.07 0.22 1.33
CA LEU A 240 14.07 0.91 2.16
C LEU A 240 13.58 1.11 3.60
N GLY A 241 13.14 0.03 4.24
CA GLY A 241 12.66 0.12 5.62
C GLY A 241 11.17 0.42 5.74
N GLY A 242 10.42 0.06 4.69
CA GLY A 242 8.98 0.28 4.65
C GLY A 242 8.25 -0.59 5.62
N SER A 243 7.15 -0.09 6.15
CA SER A 243 6.31 -0.76 7.13
C SER A 243 5.24 -1.65 6.42
N PRO A 244 5.16 -2.99 6.65
CA PRO A 244 4.14 -3.81 5.96
C PRO A 244 2.73 -3.49 6.43
N TYR A 245 1.76 -3.50 5.51
CA TYR A 245 0.35 -3.23 5.81
C TYR A 245 0.13 -2.02 6.77
N PRO A 246 0.54 -0.78 6.42
CA PRO A 246 0.31 0.34 7.36
C PRO A 246 -1.18 0.63 7.54
N GLY A 247 -1.57 0.84 8.80
CA GLY A 247 -2.94 1.14 9.20
C GLY A 247 -3.82 -0.08 9.33
N VAL A 248 -3.27 -1.29 9.07
CA VAL A 248 -4.04 -2.54 9.11
C VAL A 248 -4.01 -3.20 10.52
N PRO A 249 -5.16 -3.31 11.22
CA PRO A 249 -5.17 -4.02 12.51
C PRO A 249 -5.16 -5.53 12.29
N VAL A 250 -4.90 -6.30 13.37
CA VAL A 250 -4.79 -7.77 13.36
C VAL A 250 -5.99 -8.48 12.66
N GLU A 251 -7.23 -8.12 13.07
CA GLU A 251 -8.45 -8.73 12.53
C GLU A 251 -8.55 -8.55 11.01
N GLU A 252 -8.14 -7.35 10.49
CA GLU A 252 -8.18 -7.06 9.05
C GLU A 252 -7.08 -7.81 8.31
N LEU A 253 -5.91 -7.99 8.94
CA LEU A 253 -4.81 -8.74 8.34
C LEU A 253 -5.21 -10.22 8.12
N PHE A 254 -5.87 -10.83 9.13
CA PHE A 254 -6.37 -12.21 9.07
C PHE A 254 -7.29 -12.37 7.87
N LYS A 255 -8.18 -11.39 7.64
CA LYS A 255 -9.12 -11.37 6.51
C LYS A 255 -8.35 -11.20 5.17
N LEU A 256 -7.29 -10.37 5.12
CA LEU A 256 -6.46 -10.22 3.91
C LEU A 256 -5.78 -11.54 3.55
N LEU A 257 -5.18 -12.20 4.55
CA LEU A 257 -4.51 -13.50 4.36
C LEU A 257 -5.50 -14.59 3.91
N LYS A 258 -6.70 -14.64 4.54
CA LYS A 258 -7.73 -15.60 4.17
C LYS A 258 -8.20 -15.41 2.72
N GLU A 259 -8.24 -14.15 2.23
CA GLU A 259 -8.61 -13.80 0.85
C GLU A 259 -7.47 -14.08 -0.16
N GLY A 260 -6.27 -14.37 0.33
CA GLY A 260 -5.11 -14.60 -0.52
C GLY A 260 -4.52 -13.29 -1.01
N HIS A 261 -4.75 -12.20 -0.25
CA HIS A 261 -4.18 -10.90 -0.58
C HIS A 261 -2.65 -10.95 -0.41
N ARG A 262 -1.93 -10.25 -1.29
CA ARG A 262 -0.48 -10.16 -1.28
C ARG A 262 -0.10 -8.70 -1.42
N MET A 263 1.02 -8.30 -0.79
CA MET A 263 1.52 -6.94 -0.84
C MET A 263 1.93 -6.61 -2.27
N ASP A 264 1.79 -5.33 -2.62
CA ASP A 264 2.04 -4.76 -3.93
C ASP A 264 3.55 -4.74 -4.24
N LYS A 265 3.91 -4.78 -5.53
CA LYS A 265 5.31 -4.69 -5.98
C LYS A 265 5.83 -3.33 -5.62
N PRO A 266 6.92 -3.23 -4.87
CA PRO A 266 7.47 -1.90 -4.59
C PRO A 266 8.04 -1.27 -5.86
N SER A 267 8.19 0.05 -5.87
CA SER A 267 8.81 0.74 -6.98
C SER A 267 10.32 0.49 -6.81
N ASN A 268 11.09 0.50 -7.92
CA ASN A 268 12.52 0.22 -7.88
C ASN A 268 12.76 -1.21 -7.32
N CYS A 269 12.07 -2.16 -7.96
CA CYS A 269 12.10 -3.60 -7.70
C CYS A 269 11.79 -4.27 -9.02
N THR A 270 12.68 -5.14 -9.48
CA THR A 270 12.52 -5.87 -10.74
C THR A 270 11.34 -6.83 -10.67
N ASN A 271 10.84 -7.28 -11.83
CA ASN A 271 9.75 -8.25 -11.89
C ASN A 271 10.25 -9.57 -11.33
N GLU A 272 11.55 -9.87 -11.53
CA GLU A 272 12.20 -11.09 -11.04
C GLU A 272 12.22 -11.09 -9.50
N LEU A 273 12.58 -9.94 -8.86
CA LEU A 273 12.62 -9.87 -7.39
C LEU A 273 11.22 -9.92 -6.76
N TYR A 274 10.21 -9.34 -7.45
CA TYR A 274 8.82 -9.40 -6.98
C TYR A 274 8.28 -10.83 -7.08
N MET A 275 8.64 -11.53 -8.16
CA MET A 275 8.29 -12.93 -8.39
C MET A 275 8.89 -13.78 -7.22
N MET A 276 10.14 -13.46 -6.80
CA MET A 276 10.80 -14.11 -5.66
C MET A 276 9.98 -13.93 -4.35
N MET A 277 9.55 -12.69 -4.06
CA MET A 277 8.71 -12.37 -2.90
C MET A 277 7.43 -13.18 -2.93
N ARG A 278 6.76 -13.19 -4.10
CA ARG A 278 5.49 -13.91 -4.31
C ARG A 278 5.68 -15.41 -4.14
N ASP A 279 6.82 -15.96 -4.62
CA ASP A 279 7.16 -17.38 -4.46
C ASP A 279 7.31 -17.74 -2.98
N CYS A 280 7.97 -16.85 -2.20
CA CYS A 280 8.16 -16.96 -0.73
C CYS A 280 6.79 -16.93 -0.05
N TRP A 281 5.82 -16.21 -0.66
CA TRP A 281 4.46 -16.08 -0.13
C TRP A 281 3.47 -17.10 -0.75
N HIS A 282 3.97 -18.29 -1.22
CA HIS A 282 3.07 -19.32 -1.75
C HIS A 282 2.16 -19.78 -0.62
N ALA A 283 0.85 -19.92 -0.90
CA ALA A 283 -0.15 -20.42 0.05
C ALA A 283 0.24 -21.83 0.56
N VAL A 284 0.82 -22.64 -0.34
CA VAL A 284 1.27 -24.01 -0.03
C VAL A 284 2.74 -23.99 0.39
N PRO A 285 3.04 -24.31 1.68
CA PRO A 285 4.43 -24.24 2.15
C PRO A 285 5.45 -25.05 1.36
N SER A 286 5.05 -26.24 0.85
CA SER A 286 5.93 -27.14 0.08
C SER A 286 6.37 -26.54 -1.26
N GLN A 287 5.63 -25.57 -1.75
CA GLN A 287 5.87 -24.94 -3.04
C GLN A 287 6.73 -23.68 -2.95
N ARG A 288 6.99 -23.19 -1.73
CA ARG A 288 7.82 -22.02 -1.53
C ARG A 288 9.25 -22.44 -1.85
N PRO A 289 10.15 -21.50 -2.31
CA PRO A 289 11.57 -21.87 -2.46
C PRO A 289 12.21 -22.20 -1.10
N THR A 290 13.34 -22.89 -1.11
CA THR A 290 14.07 -23.13 0.12
C THR A 290 15.11 -22.01 0.25
N PHE A 291 15.76 -21.88 1.44
CA PHE A 291 16.85 -20.91 1.62
C PHE A 291 18.03 -21.22 0.71
N LYS A 292 18.33 -22.51 0.47
CA LYS A 292 19.39 -22.96 -0.46
C LYS A 292 19.11 -22.41 -1.90
N GLN A 293 17.86 -22.54 -2.41
CA GLN A 293 17.44 -22.02 -3.72
C GLN A 293 17.54 -20.50 -3.75
N LEU A 294 17.04 -19.82 -2.68
CA LEU A 294 17.07 -18.36 -2.54
C LEU A 294 18.49 -17.80 -2.60
N VAL A 295 19.42 -18.45 -1.92
CA VAL A 295 20.86 -18.12 -1.91
C VAL A 295 21.44 -18.23 -3.33
N GLU A 296 21.15 -19.34 -4.05
CA GLU A 296 21.61 -19.55 -5.43
C GLU A 296 21.03 -18.50 -6.41
N ASP A 297 19.71 -18.23 -6.33
CA ASP A 297 19.03 -17.24 -7.18
C ASP A 297 19.59 -15.86 -6.89
N LEU A 298 19.71 -15.50 -5.59
CA LEU A 298 20.21 -14.17 -5.19
C LEU A 298 21.65 -13.96 -5.61
N ASP A 299 22.48 -15.03 -5.55
CA ASP A 299 23.88 -14.97 -5.99
C ASP A 299 23.98 -14.59 -7.48
N ARG A 300 23.15 -15.23 -8.32
CA ARG A 300 23.11 -14.98 -9.77
C ARG A 300 22.58 -13.55 -10.05
N ILE A 301 21.52 -13.12 -9.32
CA ILE A 301 20.92 -11.79 -9.49
C ILE A 301 21.93 -10.68 -9.11
N VAL A 302 22.64 -10.80 -7.94
CA VAL A 302 23.65 -9.82 -7.50
C VAL A 302 24.62 -9.50 -8.65
N ALA A 303 25.27 -10.57 -9.20
CA ALA A 303 26.23 -10.50 -10.30
C ALA A 303 25.69 -9.83 -11.57
N LEU A 304 24.37 -9.87 -11.78
CA LEU A 304 23.71 -9.26 -12.93
C LEU A 304 23.11 -7.86 -12.64
N THR A 305 23.07 -7.43 -11.36
CA THR A 305 22.49 -6.15 -10.94
C THR A 305 23.49 -5.00 -11.00
N SER A 306 23.12 -3.89 -11.68
CA SER A 306 23.99 -2.71 -11.81
C SER A 306 24.27 -2.02 -10.47
N ASN A 307 25.50 -1.56 -10.31
CA ASN A 307 25.92 -0.74 -9.17
C ASN A 307 25.90 0.77 -9.56
N GLN A 308 25.58 1.09 -10.86
CA GLN A 308 25.54 2.45 -11.44
C GLN A 308 24.32 3.29 -11.07
N GLU A 309 23.29 2.66 -10.46
CA GLU A 309 22.11 3.34 -9.94
C GLU A 309 21.39 2.49 -8.87
N ALA B 2 -42.86 19.62 -2.19
CA ALA B 2 -42.24 20.15 -3.41
C ALA B 2 -43.14 21.18 -4.07
N GLY B 3 -42.51 22.07 -4.86
CA GLY B 3 -43.16 23.16 -5.59
C GLY B 3 -44.09 22.68 -6.69
N VAL B 4 -45.27 22.14 -6.28
CA VAL B 4 -46.33 21.59 -7.15
C VAL B 4 -45.88 20.29 -7.83
N SER B 5 -44.57 19.94 -7.70
CA SER B 5 -43.93 18.75 -8.26
C SER B 5 -44.52 17.42 -7.81
N GLU B 6 -45.30 17.41 -6.69
CA GLU B 6 -46.00 16.20 -6.20
C GLU B 6 -47.05 15.76 -7.22
N TYR B 7 -47.66 16.75 -7.90
CA TYR B 7 -48.73 16.53 -8.88
C TYR B 7 -48.29 16.78 -10.32
N GLU B 8 -47.42 17.75 -10.58
CA GLU B 8 -46.92 18.04 -11.94
C GLU B 8 -45.60 18.80 -11.92
N LEU B 9 -44.73 18.49 -12.87
CA LEU B 9 -43.44 19.13 -12.99
C LEU B 9 -43.52 20.31 -13.98
N PRO B 10 -42.65 21.33 -13.82
CA PRO B 10 -42.65 22.42 -14.81
C PRO B 10 -42.02 21.93 -16.10
N GLU B 11 -42.49 22.48 -17.21
CA GLU B 11 -42.04 22.16 -18.53
C GLU B 11 -40.75 22.90 -18.91
N ASP B 12 -40.03 22.31 -19.85
CA ASP B 12 -38.84 22.88 -20.45
C ASP B 12 -38.79 22.29 -21.86
N PRO B 13 -39.47 22.97 -22.84
CA PRO B 13 -39.52 22.45 -24.21
C PRO B 13 -38.18 22.29 -24.93
N ARG B 14 -37.12 22.97 -24.45
CA ARG B 14 -35.77 22.86 -25.01
C ARG B 14 -35.24 21.40 -24.90
N TRP B 15 -35.56 20.74 -23.79
CA TRP B 15 -35.11 19.40 -23.43
C TRP B 15 -36.14 18.27 -23.50
N GLU B 16 -37.46 18.59 -23.54
CA GLU B 16 -38.53 17.58 -23.51
C GLU B 16 -38.55 16.63 -24.70
N LEU B 17 -38.54 15.32 -24.41
CA LEU B 17 -38.65 14.29 -25.44
C LEU B 17 -39.99 13.59 -25.26
N PRO B 18 -40.82 13.42 -26.32
CA PRO B 18 -42.08 12.66 -26.16
C PRO B 18 -41.81 11.23 -25.69
N ARG B 19 -42.64 10.71 -24.78
CA ARG B 19 -42.50 9.39 -24.15
C ARG B 19 -42.52 8.21 -25.11
N ASP B 20 -43.20 8.35 -26.25
CA ASP B 20 -43.29 7.30 -27.25
C ASP B 20 -42.00 7.19 -28.08
N ARG B 21 -41.08 8.15 -27.91
CA ARG B 21 -39.79 8.18 -28.59
C ARG B 21 -38.66 7.61 -27.71
N LEU B 22 -39.00 6.93 -26.58
CA LEU B 22 -38.06 6.31 -25.66
C LEU B 22 -38.44 4.85 -25.35
N VAL B 23 -37.54 3.91 -25.69
CA VAL B 23 -37.75 2.47 -25.46
C VAL B 23 -36.82 2.03 -24.34
N LEU B 24 -37.38 1.88 -23.13
CA LEU B 24 -36.63 1.46 -21.95
C LEU B 24 -36.14 0.02 -22.05
N GLY B 25 -34.88 -0.21 -21.66
CA GLY B 25 -34.24 -1.52 -21.72
C GLY B 25 -33.74 -2.04 -20.39
N LYS B 26 -32.65 -2.84 -20.44
CA LYS B 26 -32.03 -3.48 -19.28
C LYS B 26 -31.43 -2.50 -18.26
N PRO B 27 -31.57 -2.76 -16.94
CA PRO B 27 -30.97 -1.87 -15.94
C PRO B 27 -29.43 -1.93 -15.99
N LEU B 28 -28.78 -0.80 -15.72
CA LEU B 28 -27.32 -0.66 -15.72
C LEU B 28 -26.79 -0.68 -14.28
N GLY B 29 -27.54 -0.07 -13.37
CA GLY B 29 -27.23 0.00 -11.95
C GLY B 29 -28.28 0.77 -11.16
N GLU B 30 -28.22 0.69 -9.82
CA GLU B 30 -29.16 1.39 -8.96
C GLU B 30 -28.59 1.76 -7.60
N GLY B 31 -29.13 2.84 -7.02
CA GLY B 31 -28.76 3.35 -5.70
C GLY B 31 -29.87 3.12 -4.69
N ALA B 32 -29.91 3.93 -3.63
CA ALA B 32 -30.92 3.81 -2.57
C ALA B 32 -32.36 4.16 -3.02
N PHE B 33 -32.56 5.22 -3.87
CA PHE B 33 -33.91 5.63 -4.32
C PHE B 33 -34.02 6.03 -5.83
N GLY B 34 -32.91 5.86 -6.55
CA GLY B 34 -32.80 6.10 -7.99
C GLY B 34 -32.27 4.86 -8.70
N GLN B 35 -32.31 4.86 -10.03
CA GLN B 35 -31.82 3.76 -10.86
C GLN B 35 -31.48 4.23 -12.27
N VAL B 36 -30.56 3.53 -12.96
CA VAL B 36 -30.10 3.85 -14.31
C VAL B 36 -30.40 2.66 -15.22
N VAL B 37 -31.15 2.89 -16.31
CA VAL B 37 -31.48 1.85 -17.30
C VAL B 37 -30.95 2.20 -18.70
N LEU B 38 -30.60 1.17 -19.49
CA LEU B 38 -30.18 1.37 -20.87
C LEU B 38 -31.47 1.62 -21.66
N ALA B 39 -31.43 2.48 -22.69
CA ALA B 39 -32.60 2.78 -23.51
C ALA B 39 -32.22 3.19 -24.91
N GLU B 40 -33.22 3.22 -25.80
CA GLU B 40 -33.09 3.68 -27.17
C GLU B 40 -34.00 4.87 -27.35
N ALA B 41 -33.42 5.98 -27.80
CA ALA B 41 -34.15 7.22 -28.03
C ALA B 41 -34.27 7.45 -29.53
N ILE B 42 -35.53 7.57 -30.03
CA ILE B 42 -35.83 7.80 -31.43
C ILE B 42 -35.76 9.30 -31.71
N GLY B 43 -34.79 9.68 -32.53
CA GLY B 43 -34.53 11.04 -33.00
C GLY B 43 -34.41 12.12 -31.95
N LEU B 44 -33.24 12.21 -31.29
CA LEU B 44 -32.96 13.23 -30.26
C LEU B 44 -32.82 14.63 -30.86
N ASP B 45 -32.05 14.76 -31.97
CA ASP B 45 -31.81 16.00 -32.72
C ASP B 45 -32.59 16.04 -34.06
N LYS B 46 -32.47 17.16 -34.82
CA LYS B 46 -33.15 17.33 -36.10
C LYS B 46 -32.20 17.88 -37.17
N PRO B 49 -33.48 12.92 -36.85
CA PRO B 49 -34.95 13.03 -36.77
C PRO B 49 -35.68 11.69 -36.59
N ASN B 50 -35.11 10.60 -37.16
CA ASN B 50 -35.69 9.26 -37.10
C ASN B 50 -34.70 8.15 -36.70
N ARG B 51 -33.41 8.51 -36.49
CA ARG B 51 -32.35 7.60 -36.07
C ARG B 51 -32.42 7.28 -34.58
N VAL B 52 -32.05 6.03 -34.18
CA VAL B 52 -32.03 5.64 -32.77
C VAL B 52 -30.65 5.85 -32.16
N THR B 53 -30.64 6.31 -30.89
CA THR B 53 -29.41 6.50 -30.14
C THR B 53 -29.55 5.70 -28.87
N LYS B 54 -28.52 4.90 -28.52
CA LYS B 54 -28.47 4.18 -27.24
C LYS B 54 -28.16 5.28 -26.21
N VAL B 55 -28.98 5.35 -25.16
CA VAL B 55 -28.86 6.36 -24.10
C VAL B 55 -28.96 5.70 -22.72
N ALA B 56 -28.61 6.45 -21.65
CA ALA B 56 -28.79 5.97 -20.27
C ALA B 56 -29.91 6.83 -19.69
N VAL B 57 -30.83 6.21 -18.95
CA VAL B 57 -31.94 6.95 -18.36
C VAL B 57 -31.91 6.81 -16.85
N LYS B 58 -31.90 7.95 -16.15
CA LYS B 58 -31.97 7.95 -14.69
C LYS B 58 -33.40 8.27 -14.29
N MET B 59 -33.94 7.50 -13.38
CA MET B 59 -35.33 7.65 -12.91
C MET B 59 -35.36 7.27 -11.43
N LEU B 60 -36.46 7.61 -10.75
CA LEU B 60 -36.64 7.24 -9.34
C LEU B 60 -37.08 5.77 -9.23
N LYS B 61 -36.82 5.13 -8.07
CA LYS B 61 -37.32 3.78 -7.81
C LYS B 61 -38.73 3.93 -7.21
N SER B 62 -39.54 2.86 -7.19
CA SER B 62 -40.92 2.87 -6.69
C SER B 62 -41.08 3.25 -5.23
N ASP B 63 -39.99 3.16 -4.44
CA ASP B 63 -39.99 3.49 -3.02
C ASP B 63 -39.51 4.93 -2.73
N ALA B 64 -39.31 5.76 -3.77
CA ALA B 64 -38.85 7.15 -3.60
C ALA B 64 -39.89 8.06 -2.95
N THR B 65 -39.39 9.16 -2.37
CA THR B 65 -40.19 10.19 -1.66
C THR B 65 -40.11 11.48 -2.43
N GLU B 66 -40.87 12.49 -2.00
CA GLU B 66 -40.89 13.82 -2.59
C GLU B 66 -39.47 14.43 -2.59
N LYS B 67 -38.69 14.18 -1.51
CA LYS B 67 -37.31 14.68 -1.40
C LYS B 67 -36.41 14.09 -2.48
N ASP B 68 -36.54 12.77 -2.75
CA ASP B 68 -35.78 12.09 -3.81
C ASP B 68 -36.13 12.67 -5.19
N LEU B 69 -37.41 13.06 -5.41
CA LEU B 69 -37.82 13.68 -6.69
C LEU B 69 -37.15 15.04 -6.83
N SER B 70 -37.22 15.89 -5.79
CA SER B 70 -36.57 17.22 -5.83
C SER B 70 -35.04 17.11 -6.06
N ASP B 71 -34.41 16.04 -5.53
CA ASP B 71 -32.97 15.76 -5.73
C ASP B 71 -32.67 15.43 -7.20
N LEU B 72 -33.50 14.56 -7.83
CA LEU B 72 -33.35 14.18 -9.24
C LEU B 72 -33.58 15.40 -10.16
N ILE B 73 -34.59 16.23 -9.83
CA ILE B 73 -34.90 17.46 -10.57
C ILE B 73 -33.70 18.41 -10.53
N SER B 74 -33.15 18.61 -9.32
CA SER B 74 -31.99 19.48 -9.09
C SER B 74 -30.75 18.99 -9.87
N GLU B 75 -30.53 17.67 -9.96
CA GLU B 75 -29.41 17.10 -10.72
C GLU B 75 -29.54 17.43 -12.19
N MET B 76 -30.77 17.27 -12.77
CA MET B 76 -31.12 17.57 -14.16
C MET B 76 -30.90 19.08 -14.45
N GLU B 77 -31.38 19.96 -13.54
CA GLU B 77 -31.27 21.42 -13.65
C GLU B 77 -29.81 21.87 -13.59
N MET B 78 -29.01 21.21 -12.74
CA MET B 78 -27.58 21.47 -12.63
C MET B 78 -26.87 21.10 -13.94
N MET B 79 -27.20 19.93 -14.53
CA MET B 79 -26.66 19.49 -15.83
C MET B 79 -27.00 20.49 -16.94
N LYS B 80 -28.21 21.09 -16.93
CA LYS B 80 -28.55 22.13 -17.92
C LYS B 80 -27.61 23.36 -17.78
N MET B 81 -27.38 23.80 -16.52
CA MET B 81 -26.52 24.95 -16.20
C MET B 81 -25.06 24.72 -16.60
N ILE B 82 -24.54 23.50 -16.39
CA ILE B 82 -23.15 23.14 -16.65
C ILE B 82 -22.79 23.21 -18.15
N GLY B 83 -23.67 22.74 -19.00
CA GLY B 83 -23.42 22.73 -20.43
C GLY B 83 -22.64 21.50 -20.86
N LYS B 84 -22.36 21.41 -22.16
CA LYS B 84 -21.69 20.29 -22.80
C LYS B 84 -20.16 20.32 -22.77
N HIS B 85 -19.58 19.13 -22.60
CA HIS B 85 -18.13 18.92 -22.65
C HIS B 85 -17.92 17.45 -23.01
N LYS B 86 -16.92 17.19 -23.84
CA LYS B 86 -16.52 15.86 -24.29
C LYS B 86 -16.21 14.91 -23.11
N ASN B 87 -15.57 15.42 -22.03
CA ASN B 87 -15.16 14.53 -20.96
C ASN B 87 -16.09 14.50 -19.73
N ILE B 88 -17.39 14.72 -19.95
CA ILE B 88 -18.42 14.57 -18.90
C ILE B 88 -19.60 13.81 -19.52
N ILE B 89 -20.42 13.15 -18.67
CA ILE B 89 -21.65 12.52 -19.16
C ILE B 89 -22.63 13.68 -19.42
N ASN B 90 -23.03 13.90 -20.69
CA ASN B 90 -23.92 15.02 -21.02
C ASN B 90 -25.40 14.72 -20.96
N LEU B 91 -26.22 15.76 -20.68
CA LEU B 91 -27.68 15.69 -20.68
C LEU B 91 -28.13 15.72 -22.15
N LEU B 92 -29.07 14.83 -22.51
CA LEU B 92 -29.57 14.75 -23.89
C LEU B 92 -31.06 15.11 -23.99
N GLY B 93 -31.78 14.97 -22.88
CA GLY B 93 -33.21 15.24 -22.84
C GLY B 93 -33.89 14.77 -21.56
N ALA B 94 -35.21 14.90 -21.53
CA ALA B 94 -36.00 14.48 -20.37
C ALA B 94 -37.48 14.28 -20.69
N CYS B 95 -38.14 13.38 -19.93
CA CYS B 95 -39.57 13.11 -19.98
C CYS B 95 -40.02 13.54 -18.59
N THR B 96 -40.64 14.71 -18.48
CA THR B 96 -41.02 15.32 -17.20
C THR B 96 -42.53 15.37 -17.01
N GLN B 97 -43.28 15.31 -18.11
CA GLN B 97 -44.74 15.45 -18.12
C GLN B 97 -45.46 14.14 -18.22
N ASP B 98 -46.65 14.08 -17.60
CA ASP B 98 -47.58 12.96 -17.65
C ASP B 98 -46.94 11.59 -17.44
N GLY B 99 -46.23 11.45 -16.33
CA GLY B 99 -45.57 10.20 -15.97
C GLY B 99 -44.32 10.41 -15.16
N PRO B 100 -43.63 9.30 -14.76
CA PRO B 100 -42.40 9.45 -13.97
C PRO B 100 -41.33 10.23 -14.70
N LEU B 101 -40.50 10.95 -13.93
CA LEU B 101 -39.42 11.74 -14.49
C LEU B 101 -38.28 10.85 -14.97
N TYR B 102 -37.93 11.02 -16.26
CA TYR B 102 -36.83 10.33 -16.90
C TYR B 102 -35.79 11.37 -17.29
N VAL B 103 -34.54 11.21 -16.83
CA VAL B 103 -33.43 12.13 -17.11
C VAL B 103 -32.53 11.38 -18.10
N ILE B 104 -32.56 11.83 -19.37
CA ILE B 104 -31.84 11.16 -20.46
C ILE B 104 -30.44 11.71 -20.63
N VAL B 105 -29.45 10.84 -20.47
CA VAL B 105 -28.03 11.22 -20.53
C VAL B 105 -27.28 10.31 -21.49
N GLU B 106 -26.02 10.67 -21.81
CA GLU B 106 -25.15 9.87 -22.68
C GLU B 106 -24.85 8.49 -22.11
N TYR B 107 -24.78 7.48 -23.00
CA TYR B 107 -24.44 6.10 -22.59
C TYR B 107 -22.97 5.79 -22.89
N ALA B 108 -22.23 5.31 -21.88
CA ALA B 108 -20.84 4.89 -21.98
C ALA B 108 -20.83 3.38 -21.84
N SER B 109 -20.61 2.67 -22.96
CA SER B 109 -20.71 1.22 -23.06
C SER B 109 -19.61 0.40 -22.38
N LYS B 110 -18.42 0.96 -22.13
CA LYS B 110 -17.33 0.16 -21.56
C LYS B 110 -17.25 0.21 -20.00
N GLY B 111 -18.31 0.72 -19.37
CA GLY B 111 -18.40 0.79 -17.91
C GLY B 111 -17.46 1.76 -17.25
N ASN B 112 -17.34 1.66 -15.92
CA ASN B 112 -16.51 2.56 -15.13
C ASN B 112 -15.01 2.31 -15.35
N LEU B 113 -14.18 3.31 -15.05
CA LEU B 113 -12.72 3.23 -15.25
C LEU B 113 -12.02 2.15 -14.39
N ARG B 114 -12.48 1.93 -13.14
CA ARG B 114 -11.90 0.92 -12.26
C ARG B 114 -11.98 -0.47 -12.94
N GLU B 115 -13.18 -0.87 -13.42
CA GLU B 115 -13.38 -2.14 -14.12
C GLU B 115 -12.63 -2.17 -15.44
N TYR B 116 -12.66 -1.05 -16.18
CA TYR B 116 -12.00 -0.91 -17.49
C TYR B 116 -10.51 -1.22 -17.37
N LEU B 117 -9.84 -0.64 -16.35
CA LEU B 117 -8.43 -0.85 -16.12
C LEU B 117 -8.11 -2.26 -15.64
N GLN B 118 -8.95 -2.82 -14.72
CA GLN B 118 -8.80 -4.17 -14.16
C GLN B 118 -8.90 -5.24 -15.25
N ALA B 119 -9.88 -5.09 -16.15
CA ALA B 119 -10.09 -6.01 -17.27
C ALA B 119 -8.92 -5.97 -18.28
N ARG B 120 -8.11 -4.90 -18.27
CA ARG B 120 -7.01 -4.71 -19.20
C ARG B 120 -5.62 -4.91 -18.57
N ARG B 121 -5.57 -5.53 -17.38
CA ARG B 121 -4.31 -5.86 -16.71
C ARG B 121 -3.59 -6.98 -17.53
N PRO B 122 -2.25 -6.94 -17.66
CA PRO B 122 -1.54 -8.00 -18.42
C PRO B 122 -1.74 -9.40 -17.81
N PRO B 123 -1.50 -10.50 -18.58
CA PRO B 123 -1.70 -11.84 -18.00
C PRO B 123 -0.54 -12.31 -17.11
N GLU B 137 -6.84 -6.25 -25.21
CA GLU B 137 -6.91 -4.80 -25.38
C GLU B 137 -5.97 -4.10 -24.36
N GLN B 138 -4.66 -4.43 -24.41
CA GLN B 138 -3.61 -3.87 -23.52
C GLN B 138 -3.42 -2.37 -23.70
N LEU B 139 -3.18 -1.66 -22.59
CA LEU B 139 -3.01 -0.21 -22.57
C LEU B 139 -1.54 0.16 -22.40
N SER B 140 -1.01 1.09 -23.22
CA SER B 140 0.37 1.60 -23.15
C SER B 140 0.47 2.67 -22.06
N SER B 141 1.70 3.08 -21.69
CA SER B 141 1.90 4.15 -20.71
C SER B 141 1.27 5.49 -21.21
N LYS B 142 1.30 5.75 -22.54
CA LYS B 142 0.68 6.93 -23.16
C LYS B 142 -0.85 6.86 -22.95
N ASP B 143 -1.47 5.65 -23.13
CA ASP B 143 -2.92 5.44 -22.91
C ASP B 143 -3.28 5.75 -21.46
N LEU B 144 -2.44 5.36 -20.50
CA LEU B 144 -2.71 5.63 -19.09
C LEU B 144 -2.65 7.13 -18.77
N VAL B 145 -1.60 7.84 -19.26
CA VAL B 145 -1.47 9.28 -19.07
C VAL B 145 -2.64 10.01 -19.78
N SER B 146 -3.07 9.48 -20.96
CA SER B 146 -4.20 10.00 -21.72
C SER B 146 -5.51 9.93 -20.91
N CYS B 147 -5.75 8.82 -20.14
CA CYS B 147 -6.92 8.68 -19.25
C CYS B 147 -6.86 9.79 -18.21
N ALA B 148 -5.71 9.98 -17.59
CA ALA B 148 -5.45 11.01 -16.57
C ALA B 148 -5.70 12.43 -17.16
N TYR B 149 -5.17 12.71 -18.38
CA TYR B 149 -5.38 13.99 -19.07
C TYR B 149 -6.88 14.26 -19.31
N GLN B 150 -7.61 13.27 -19.85
CA GLN B 150 -9.04 13.37 -20.15
C GLN B 150 -9.86 13.62 -18.89
N VAL B 151 -9.56 12.94 -17.78
CA VAL B 151 -10.28 13.16 -16.53
C VAL B 151 -10.01 14.57 -16.02
N ALA B 152 -8.72 15.03 -16.05
CA ALA B 152 -8.33 16.37 -15.62
C ALA B 152 -9.07 17.43 -16.47
N ARG B 153 -9.17 17.21 -17.80
CA ARG B 153 -9.88 18.13 -18.70
C ARG B 153 -11.36 18.25 -18.36
N GLY B 154 -12.02 17.12 -18.02
CA GLY B 154 -13.43 17.11 -17.62
C GLY B 154 -13.64 17.85 -16.31
N MET B 155 -12.71 17.61 -15.35
CA MET B 155 -12.69 18.26 -14.04
C MET B 155 -12.42 19.75 -14.16
N GLU B 156 -11.51 20.16 -15.06
CA GLU B 156 -11.21 21.58 -15.29
C GLU B 156 -12.46 22.29 -15.78
N TYR B 157 -13.24 21.62 -16.67
CA TYR B 157 -14.48 22.17 -17.20
C TYR B 157 -15.52 22.30 -16.10
N LEU B 158 -15.75 21.21 -15.32
CA LEU B 158 -16.68 21.23 -14.20
C LEU B 158 -16.33 22.33 -13.19
N ALA B 159 -15.02 22.48 -12.82
CA ALA B 159 -14.55 23.54 -11.92
C ALA B 159 -14.83 24.92 -12.49
N SER B 160 -14.62 25.11 -13.82
CA SER B 160 -14.90 26.38 -14.50
C SER B 160 -16.40 26.73 -14.42
N LYS B 161 -17.26 25.72 -14.21
CA LYS B 161 -18.71 25.88 -14.11
C LYS B 161 -19.17 25.87 -12.64
N LYS B 162 -18.22 26.07 -11.70
CA LYS B 162 -18.44 26.15 -10.25
C LYS B 162 -19.02 24.87 -9.61
N CYS B 163 -18.76 23.71 -10.23
CA CYS B 163 -19.21 22.40 -9.77
C CYS B 163 -18.09 21.68 -8.96
N ILE B 164 -18.37 21.36 -7.68
CA ILE B 164 -17.47 20.59 -6.81
C ILE B 164 -18.07 19.18 -6.81
N HIS B 165 -17.29 18.18 -7.25
CA HIS B 165 -17.75 16.80 -7.38
C HIS B 165 -18.00 16.12 -6.04
N ARG B 166 -17.00 16.13 -5.12
CA ARG B 166 -17.04 15.54 -3.75
C ARG B 166 -16.80 14.01 -3.72
N ASP B 167 -17.03 13.26 -4.85
CA ASP B 167 -16.73 11.82 -4.93
C ASP B 167 -15.99 11.45 -6.22
N LEU B 168 -14.94 12.21 -6.55
CA LEU B 168 -14.17 11.91 -7.74
C LEU B 168 -13.32 10.64 -7.48
N ALA B 169 -13.63 9.56 -8.18
CA ALA B 169 -12.95 8.26 -8.06
C ALA B 169 -13.10 7.56 -9.41
N ALA B 170 -12.28 6.52 -9.70
CA ALA B 170 -12.35 5.81 -10.97
C ALA B 170 -13.74 5.20 -11.21
N ARG B 171 -14.46 4.82 -10.12
CA ARG B 171 -15.81 4.23 -10.17
C ARG B 171 -16.85 5.20 -10.75
N ASN B 172 -16.57 6.52 -10.66
CA ASN B 172 -17.46 7.57 -11.13
C ASN B 172 -17.02 8.20 -12.46
N VAL B 173 -16.12 7.50 -13.16
CA VAL B 173 -15.64 7.89 -14.49
C VAL B 173 -16.10 6.76 -15.39
N LEU B 174 -16.80 7.09 -16.45
CA LEU B 174 -17.29 6.10 -17.40
C LEU B 174 -16.46 6.18 -18.66
N VAL B 175 -16.35 5.06 -19.36
CA VAL B 175 -15.58 4.93 -20.61
C VAL B 175 -16.55 4.55 -21.74
N THR B 176 -16.56 5.33 -22.85
CA THR B 176 -17.43 5.08 -24.02
C THR B 176 -16.84 3.99 -24.93
N GLU B 177 -17.57 3.62 -25.98
CA GLU B 177 -17.13 2.64 -26.99
C GLU B 177 -15.84 3.10 -27.67
N ASP B 178 -15.65 4.43 -27.81
CA ASP B 178 -14.47 5.05 -28.44
C ASP B 178 -13.35 5.39 -27.45
N ASN B 179 -13.42 4.81 -26.22
CA ASN B 179 -12.45 4.96 -25.13
C ASN B 179 -12.27 6.39 -24.62
N VAL B 180 -13.35 7.18 -24.67
CA VAL B 180 -13.36 8.55 -24.15
C VAL B 180 -13.76 8.46 -22.66
N MET B 181 -13.02 9.16 -21.81
CA MET B 181 -13.30 9.24 -20.37
C MET B 181 -14.39 10.28 -20.18
N LYS B 182 -15.45 9.93 -19.42
CA LYS B 182 -16.55 10.84 -19.12
C LYS B 182 -16.90 10.78 -17.62
N ILE B 183 -16.81 11.90 -16.95
CA ILE B 183 -17.16 11.98 -15.53
C ILE B 183 -18.70 11.96 -15.38
N ALA B 184 -19.19 11.14 -14.44
CA ALA B 184 -20.61 11.01 -14.09
C ALA B 184 -20.81 11.53 -12.64
N ASP B 185 -22.08 11.63 -12.18
CA ASP B 185 -22.52 12.04 -10.84
C ASP B 185 -21.93 13.38 -10.35
N PHE B 186 -21.75 14.33 -11.29
CA PHE B 186 -21.16 15.63 -10.96
C PHE B 186 -22.16 16.60 -10.34
N HIS B 193 -24.66 17.57 9.12
CA HIS B 193 -24.22 16.18 9.02
C HIS B 193 -25.14 15.38 8.10
N HIS B 194 -24.55 14.67 7.11
CA HIS B 194 -25.29 13.86 6.14
C HIS B 194 -24.51 12.63 5.66
N ILE B 195 -23.17 12.77 5.48
CA ILE B 195 -22.32 11.68 5.02
C ILE B 195 -21.75 10.84 6.17
N ASP B 196 -21.93 9.51 6.08
CA ASP B 196 -21.46 8.53 7.05
C ASP B 196 -20.14 7.94 6.56
N TYR B 197 -19.06 8.21 7.32
CA TYR B 197 -17.71 7.77 7.01
C TYR B 197 -17.54 6.24 6.94
N TYR B 198 -18.31 5.50 7.76
CA TYR B 198 -18.25 4.04 7.87
C TYR B 198 -19.04 3.26 6.78
N LYS B 199 -19.73 3.98 5.86
CA LYS B 199 -20.51 3.38 4.76
C LYS B 199 -19.63 2.87 3.62
N LYS B 200 -19.88 1.63 3.14
CA LYS B 200 -19.10 0.99 2.06
C LYS B 200 -19.82 0.98 0.69
N THR B 201 -19.04 0.87 -0.42
CA THR B 201 -19.51 0.78 -1.82
C THR B 201 -19.92 -0.67 -2.14
N THR B 202 -20.48 -0.92 -3.36
CA THR B 202 -20.90 -2.25 -3.84
C THR B 202 -19.71 -3.21 -3.86
N ASN B 203 -18.55 -2.73 -4.38
CA ASN B 203 -17.26 -3.46 -4.46
C ASN B 203 -16.64 -3.66 -3.06
N GLY B 204 -17.20 -2.98 -2.05
CA GLY B 204 -16.75 -3.06 -0.66
C GLY B 204 -15.65 -2.11 -0.26
N ARG B 205 -15.50 -0.97 -0.97
CA ARG B 205 -14.47 0.03 -0.65
C ARG B 205 -15.08 1.19 0.15
N LEU B 206 -14.23 1.93 0.89
CA LEU B 206 -14.66 3.08 1.70
C LEU B 206 -14.41 4.42 1.00
N PRO B 207 -15.46 5.17 0.58
CA PRO B 207 -15.24 6.46 -0.11
C PRO B 207 -14.37 7.48 0.61
N VAL B 208 -14.23 7.43 1.97
CA VAL B 208 -13.36 8.34 2.73
C VAL B 208 -11.90 8.31 2.24
N LYS B 209 -11.46 7.18 1.64
CA LYS B 209 -10.09 6.98 1.14
C LYS B 209 -9.73 7.86 -0.07
N TRP B 210 -10.71 8.58 -0.62
CA TRP B 210 -10.56 9.52 -1.74
C TRP B 210 -10.69 10.97 -1.25
N MET B 211 -11.16 11.19 -0.01
CA MET B 211 -11.41 12.54 0.53
C MET B 211 -10.17 13.27 1.05
N ALA B 212 -10.12 14.59 0.79
CA ALA B 212 -9.04 15.49 1.25
C ALA B 212 -9.12 15.61 2.79
N PRO B 213 -7.99 15.81 3.52
CA PRO B 213 -8.07 15.93 4.98
C PRO B 213 -8.94 17.08 5.46
N GLU B 214 -8.93 18.24 4.77
CA GLU B 214 -9.78 19.36 5.18
C GLU B 214 -11.28 19.04 4.97
N ALA B 215 -11.61 18.24 3.93
CA ALA B 215 -13.00 17.80 3.69
C ALA B 215 -13.42 16.78 4.76
N LEU B 216 -12.50 15.89 5.10
CA LEU B 216 -12.70 14.83 6.10
C LEU B 216 -12.79 15.36 7.56
N PHE B 217 -11.81 16.16 8.00
CA PHE B 217 -11.71 16.69 9.36
C PHE B 217 -12.34 18.07 9.63
N ASP B 218 -12.56 18.90 8.59
CA ASP B 218 -13.11 20.25 8.79
C ASP B 218 -14.33 20.53 7.93
N ARG B 219 -14.74 19.56 7.10
CA ARG B 219 -15.87 19.63 6.18
C ARG B 219 -15.77 20.87 5.29
N ILE B 220 -14.59 21.05 4.71
CA ILE B 220 -14.28 22.14 3.79
C ILE B 220 -14.08 21.48 2.42
N TYR B 221 -15.03 21.70 1.51
CA TYR B 221 -15.02 21.16 0.16
C TYR B 221 -14.79 22.29 -0.82
N THR B 222 -13.74 22.18 -1.63
CA THR B 222 -13.38 23.16 -2.65
C THR B 222 -12.94 22.40 -3.90
N HIS B 223 -12.50 23.14 -4.94
CA HIS B 223 -11.93 22.54 -6.15
C HIS B 223 -10.57 21.90 -5.79
N GLN B 224 -9.90 22.43 -4.74
CA GLN B 224 -8.63 21.90 -4.21
C GLN B 224 -8.81 20.57 -3.51
N SER B 225 -10.00 20.36 -2.91
CA SER B 225 -10.28 19.07 -2.27
C SER B 225 -10.54 17.99 -3.33
N ASP B 226 -11.10 18.42 -4.49
CA ASP B 226 -11.31 17.53 -5.64
C ASP B 226 -9.97 17.18 -6.27
N VAL B 227 -8.97 18.11 -6.23
CA VAL B 227 -7.61 17.88 -6.74
C VAL B 227 -6.96 16.73 -5.94
N TRP B 228 -7.18 16.72 -4.60
CA TRP B 228 -6.68 15.64 -3.73
C TRP B 228 -7.27 14.30 -4.22
N SER B 229 -8.60 14.24 -4.44
CA SER B 229 -9.31 13.05 -4.95
C SER B 229 -8.75 12.62 -6.32
N PHE B 230 -8.44 13.60 -7.22
CA PHE B 230 -7.84 13.32 -8.52
C PHE B 230 -6.47 12.61 -8.36
N GLY B 231 -5.71 12.96 -7.31
CA GLY B 231 -4.43 12.33 -7.02
C GLY B 231 -4.62 10.86 -6.65
N VAL B 232 -5.69 10.56 -5.90
CA VAL B 232 -6.05 9.18 -5.55
C VAL B 232 -6.51 8.45 -6.82
N LEU B 233 -7.21 9.16 -7.71
CA LEU B 233 -7.67 8.62 -9.00
C LEU B 233 -6.44 8.30 -9.86
N LEU B 234 -5.40 9.17 -9.85
CA LEU B 234 -4.15 8.96 -10.59
C LEU B 234 -3.50 7.65 -10.11
N TRP B 235 -3.48 7.43 -8.78
CA TRP B 235 -2.96 6.22 -8.16
C TRP B 235 -3.70 4.99 -8.65
N GLU B 236 -5.05 5.07 -8.75
CA GLU B 236 -5.92 3.99 -9.25
C GLU B 236 -5.58 3.69 -10.71
N ILE B 237 -5.29 4.73 -11.55
CA ILE B 237 -4.92 4.55 -12.96
C ILE B 237 -3.61 3.80 -13.09
N PHE B 238 -2.56 4.28 -12.39
CA PHE B 238 -1.23 3.69 -12.54
C PHE B 238 -1.08 2.34 -11.81
N THR B 239 -2.07 1.90 -10.99
CA THR B 239 -2.12 0.54 -10.39
C THR B 239 -3.12 -0.33 -11.17
N LEU B 240 -3.65 0.22 -12.28
CA LEU B 240 -4.63 -0.43 -13.18
C LEU B 240 -5.90 -0.90 -12.43
N GLY B 241 -6.50 0.00 -11.66
CA GLY B 241 -7.70 -0.28 -10.89
C GLY B 241 -7.42 -0.85 -9.50
N GLY B 242 -6.28 -0.48 -8.93
CA GLY B 242 -5.88 -0.92 -7.60
C GLY B 242 -6.73 -0.27 -6.52
N SER B 243 -6.89 -0.97 -5.41
CA SER B 243 -7.69 -0.57 -4.26
C SER B 243 -6.86 0.26 -3.24
N PRO B 244 -7.21 1.54 -2.93
CA PRO B 244 -6.40 2.30 -1.95
C PRO B 244 -6.52 1.75 -0.53
N TYR B 245 -5.40 1.73 0.20
CA TYR B 245 -5.35 1.29 1.60
C TYR B 245 -6.16 -0.02 1.87
N PRO B 246 -5.83 -1.18 1.23
CA PRO B 246 -6.62 -2.39 1.52
C PRO B 246 -6.43 -2.87 2.98
N GLY B 247 -7.54 -3.23 3.61
CA GLY B 247 -7.60 -3.71 4.99
C GLY B 247 -7.55 -2.61 6.03
N VAL B 248 -7.53 -1.33 5.60
CA VAL B 248 -7.46 -0.17 6.51
C VAL B 248 -8.86 0.34 6.89
N PRO B 249 -9.28 0.24 8.17
CA PRO B 249 -10.59 0.80 8.56
C PRO B 249 -10.51 2.31 8.70
N VAL B 250 -11.67 2.97 8.78
CA VAL B 250 -11.83 4.44 8.87
C VAL B 250 -10.93 5.08 9.96
N GLU B 251 -10.99 4.54 11.21
CA GLU B 251 -10.24 5.05 12.34
C GLU B 251 -8.73 5.05 12.08
N GLU B 252 -8.22 3.99 11.41
CA GLU B 252 -6.80 3.87 11.09
C GLU B 252 -6.40 4.80 9.95
N LEU B 253 -7.29 5.02 9.00
CA LEU B 253 -7.04 5.96 7.89
C LEU B 253 -6.85 7.40 8.43
N PHE B 254 -7.73 7.81 9.37
CA PHE B 254 -7.66 9.12 10.04
C PHE B 254 -6.28 9.30 10.67
N LYS B 255 -5.76 8.20 11.26
CA LYS B 255 -4.45 8.14 11.93
C LYS B 255 -3.31 8.23 10.91
N LEU B 256 -3.47 7.61 9.73
CA LEU B 256 -2.47 7.69 8.65
C LEU B 256 -2.39 9.11 8.10
N LEU B 257 -3.56 9.74 7.86
CA LEU B 257 -3.62 11.11 7.37
C LEU B 257 -3.03 12.11 8.38
N LYS B 258 -3.33 11.93 9.68
CA LYS B 258 -2.79 12.78 10.75
C LYS B 258 -1.26 12.68 10.82
N GLU B 259 -0.68 11.48 10.55
CA GLU B 259 0.76 11.23 10.51
C GLU B 259 1.44 11.76 9.24
N GLY B 260 0.64 12.17 8.25
CA GLY B 260 1.14 12.65 6.95
C GLY B 260 1.59 11.48 6.09
N HIS B 261 0.98 10.30 6.31
CA HIS B 261 1.25 9.12 5.52
C HIS B 261 0.74 9.35 4.10
N ARG B 262 1.54 8.92 3.12
CA ARG B 262 1.19 9.01 1.72
C ARG B 262 1.38 7.63 1.06
N MET B 263 0.42 7.20 0.21
CA MET B 263 0.46 5.96 -0.55
C MET B 263 1.76 5.93 -1.33
N ASP B 264 2.33 4.73 -1.41
CA ASP B 264 3.61 4.45 -2.04
C ASP B 264 3.52 4.64 -3.55
N LYS B 265 4.68 4.94 -4.16
CA LYS B 265 4.79 5.08 -5.61
C LYS B 265 4.47 3.74 -6.25
N PRO B 266 3.46 3.66 -7.15
CA PRO B 266 3.19 2.37 -7.81
C PRO B 266 4.34 2.02 -8.74
N SER B 267 4.44 0.74 -9.10
CA SER B 267 5.44 0.30 -10.06
C SER B 267 4.91 0.73 -11.43
N ASN B 268 5.80 0.97 -12.41
CA ASN B 268 5.40 1.44 -13.74
C ASN B 268 4.66 2.80 -13.62
N CYS B 269 5.35 3.74 -12.93
CA CYS B 269 4.92 5.10 -12.67
C CYS B 269 6.19 5.92 -12.56
N THR B 270 6.34 6.94 -13.39
CA THR B 270 7.52 7.81 -13.40
C THR B 270 7.63 8.63 -12.11
N ASN B 271 8.82 9.16 -11.80
CA ASN B 271 9.01 10.03 -10.63
C ASN B 271 8.20 11.31 -10.82
N GLU B 272 8.05 11.76 -12.08
CA GLU B 272 7.25 12.95 -12.43
C GLU B 272 5.77 12.72 -12.10
N LEU B 273 5.21 11.56 -12.49
CA LEU B 273 3.80 11.27 -12.22
C LEU B 273 3.52 11.04 -10.72
N TYR B 274 4.50 10.46 -9.98
CA TYR B 274 4.36 10.26 -8.54
C TYR B 274 4.45 11.60 -7.83
N MET B 275 5.33 12.53 -8.31
CA MET B 275 5.42 13.90 -7.78
C MET B 275 4.08 14.63 -8.03
N MET B 276 3.43 14.36 -9.17
CA MET B 276 2.10 14.93 -9.45
C MET B 276 1.09 14.45 -8.38
N MET B 277 1.03 13.15 -8.10
CA MET B 277 0.15 12.55 -7.08
C MET B 277 0.44 13.20 -5.72
N ARG B 278 1.75 13.28 -5.32
CA ARG B 278 2.18 13.87 -4.06
C ARG B 278 1.82 15.36 -3.99
N ASP B 279 1.95 16.09 -5.12
CA ASP B 279 1.56 17.50 -5.19
C ASP B 279 0.07 17.65 -4.95
N CYS B 280 -0.76 16.76 -5.54
CA CYS B 280 -2.23 16.69 -5.37
C CYS B 280 -2.55 16.40 -3.92
N TRP B 281 -1.66 15.69 -3.22
CA TRP B 281 -1.82 15.33 -1.82
C TRP B 281 -1.11 16.28 -0.85
N HIS B 282 -0.90 17.56 -1.24
CA HIS B 282 -0.27 18.53 -0.36
C HIS B 282 -1.21 18.78 0.81
N ALA B 283 -0.67 18.83 2.05
CA ALA B 283 -1.47 19.09 3.26
C ALA B 283 -2.19 20.47 3.16
N VAL B 284 -1.51 21.46 2.54
CA VAL B 284 -2.03 22.80 2.34
C VAL B 284 -2.77 22.86 0.99
N PRO B 285 -4.11 23.07 1.00
CA PRO B 285 -4.87 23.08 -0.26
C PRO B 285 -4.38 24.08 -1.31
N SER B 286 -3.91 25.28 -0.90
CA SER B 286 -3.38 26.30 -1.81
C SER B 286 -2.06 25.89 -2.50
N GLN B 287 -1.33 24.91 -1.94
CA GLN B 287 -0.07 24.36 -2.47
C GLN B 287 -0.27 23.18 -3.45
N ARG B 288 -1.51 22.74 -3.62
CA ARG B 288 -1.84 21.67 -4.55
C ARG B 288 -1.93 22.31 -5.94
N PRO B 289 -1.66 21.58 -7.02
CA PRO B 289 -1.90 22.17 -8.35
C PRO B 289 -3.41 22.39 -8.59
N THR B 290 -3.76 23.24 -9.54
CA THR B 290 -5.17 23.42 -9.88
C THR B 290 -5.46 22.48 -11.05
N PHE B 291 -6.74 22.29 -11.42
CA PHE B 291 -7.08 21.46 -12.58
C PHE B 291 -6.52 22.04 -13.87
N LYS B 292 -6.47 23.39 -14.00
CA LYS B 292 -5.87 24.10 -15.14
C LYS B 292 -4.36 23.73 -15.25
N GLN B 293 -3.61 23.74 -14.10
CA GLN B 293 -2.19 23.37 -14.05
C GLN B 293 -1.97 21.88 -14.37
N LEU B 294 -2.87 21.00 -13.88
CA LEU B 294 -2.85 19.54 -14.09
C LEU B 294 -3.08 19.20 -15.56
N VAL B 295 -4.04 19.86 -16.21
CA VAL B 295 -4.36 19.74 -17.64
C VAL B 295 -3.12 20.14 -18.48
N GLU B 296 -2.45 21.27 -18.15
CA GLU B 296 -1.24 21.73 -18.86
C GLU B 296 -0.08 20.74 -18.68
N ASP B 297 0.20 20.30 -17.43
CA ASP B 297 1.26 19.33 -17.13
C ASP B 297 0.98 18.01 -17.84
N LEU B 298 -0.27 17.51 -17.74
CA LEU B 298 -0.64 16.22 -18.35
C LEU B 298 -0.57 16.26 -19.85
N ASP B 299 -0.92 17.40 -20.47
CA ASP B 299 -0.84 17.60 -21.91
C ASP B 299 0.60 17.44 -22.39
N ARG B 300 1.56 18.07 -21.68
CA ARG B 300 2.99 18.02 -22.01
C ARG B 300 3.54 16.60 -21.78
N ILE B 301 3.14 15.92 -20.68
CA ILE B 301 3.59 14.56 -20.37
C ILE B 301 3.09 13.56 -21.43
N VAL B 302 1.79 13.60 -21.82
CA VAL B 302 1.21 12.71 -22.86
C VAL B 302 2.11 12.70 -24.11
N ALA B 303 2.37 13.91 -24.67
CA ALA B 303 3.19 14.15 -25.86
C ALA B 303 4.62 13.61 -25.75
N LEU B 304 5.15 13.50 -24.52
CA LEU B 304 6.50 13.00 -24.25
C LEU B 304 6.52 11.52 -23.85
N THR B 305 5.34 10.94 -23.53
CA THR B 305 5.19 9.53 -23.12
C THR B 305 5.14 8.61 -24.34
N SER B 306 5.88 7.48 -24.26
CA SER B 306 5.95 6.46 -25.30
C SER B 306 4.64 5.66 -25.43
N ASN B 307 4.33 5.23 -26.66
CA ASN B 307 3.17 4.40 -26.98
C ASN B 307 3.64 2.96 -27.22
N GLN B 308 4.97 2.73 -27.13
CA GLN B 308 5.63 1.44 -27.35
C GLN B 308 5.58 0.46 -26.15
N GLU B 309 5.23 0.98 -24.94
CA GLU B 309 5.12 0.18 -23.72
C GLU B 309 4.21 0.87 -22.70
#